data_9BDO
#
_entry.id   9BDO
#
_cell.length_a   96.949
_cell.length_b   70.725
_cell.length_c   54.403
_cell.angle_alpha   90.00
_cell.angle_beta   94.86
_cell.angle_gamma   90.00
#
_symmetry.space_group_name_H-M   'C 1 2 1'
#
loop_
_entity.id
_entity.type
_entity.pdbx_description
1 polymer 'TCE01 NANOBODY VHH'
2 non-polymer 'SULFATE ION'
3 non-polymer GLYCEROL
4 non-polymer 'ACETATE ION'
5 water water
#
_entity_poly.entity_id   1
_entity_poly.type   'polypeptide(L)'
_entity_poly.pdbx_seq_one_letter_code
;DVQLVESGGGVVQPGGSLRLSCVASGYVHKINFYGWYRQAPGKEREKVAHISIGDQTDYADSAKGRFTISRDESKNTVYL
QMNSLRPEDTAAYYCRALSRIWPYDYWGQGTLVTVSS
;
_entity_poly.pdbx_strand_id   A,B,C
#
# COMPACT_ATOMS: atom_id res chain seq x y z
N ASP A 1 -14.27 3.12 13.77
CA ASP A 1 -15.74 2.94 13.72
C ASP A 1 -16.24 2.78 12.25
N VAL A 2 -17.58 2.59 11.98
CA VAL A 2 -18.03 2.50 10.58
C VAL A 2 -17.96 3.88 9.90
N GLN A 3 -16.91 4.10 9.10
CA GLN A 3 -16.72 5.37 8.40
C GLN A 3 -17.13 5.36 6.92
N LEU A 4 -17.42 4.17 6.37
CA LEU A 4 -17.84 4.00 4.99
C LEU A 4 -19.25 3.36 5.07
N VAL A 5 -20.27 4.10 4.64
CA VAL A 5 -21.64 3.63 4.72
C VAL A 5 -22.13 3.14 3.36
N GLU A 6 -22.48 1.87 3.29
CA GLU A 6 -22.98 1.27 2.05
C GLU A 6 -24.49 1.25 1.94
N SER A 7 -24.96 1.11 0.71
CA SER A 7 -26.37 0.99 0.34
C SER A 7 -26.41 0.49 -1.13
N GLY A 8 -27.61 0.16 -1.61
CA GLY A 8 -27.79 -0.28 -3.00
C GLY A 8 -28.05 -1.74 -3.22
N GLY A 9 -27.82 -2.55 -2.20
CA GLY A 9 -28.05 -3.98 -2.32
C GLY A 9 -29.53 -4.30 -2.33
N GLY A 10 -29.85 -5.52 -2.69
CA GLY A 10 -31.22 -5.98 -2.70
C GLY A 10 -31.36 -7.25 -3.50
N VAL A 11 -32.61 -7.69 -3.69
CA VAL A 11 -32.83 -8.92 -4.40
C VAL A 11 -33.22 -8.59 -5.83
N VAL A 12 -32.54 -9.27 -6.74
CA VAL A 12 -32.69 -9.06 -8.17
C VAL A 12 -32.79 -10.41 -8.87
N GLN A 13 -33.44 -10.47 -10.03
CA GLN A 13 -33.54 -11.74 -10.77
C GLN A 13 -32.27 -11.92 -11.59
N PRO A 14 -31.90 -13.16 -12.00
CA PRO A 14 -30.68 -13.34 -12.81
C PRO A 14 -30.77 -12.51 -14.09
N GLY A 15 -29.67 -11.86 -14.44
CA GLY A 15 -29.63 -10.97 -15.58
C GLY A 15 -29.86 -9.51 -15.20
N GLY A 16 -30.31 -9.27 -13.97
CA GLY A 16 -30.55 -7.93 -13.45
C GLY A 16 -29.28 -7.22 -13.04
N SER A 17 -29.39 -5.92 -12.68
CA SER A 17 -28.28 -5.10 -12.27
C SER A 17 -28.53 -4.50 -10.91
N LEU A 18 -27.46 -4.07 -10.26
CA LEU A 18 -27.52 -3.34 -9.00
C LEU A 18 -26.40 -2.33 -9.03
N ARG A 19 -26.55 -1.22 -8.30
CA ARG A 19 -25.46 -0.26 -8.18
C ARG A 19 -25.25 -0.01 -6.70
N LEU A 20 -24.10 -0.45 -6.17
CA LEU A 20 -23.81 -0.25 -4.76
C LEU A 20 -23.10 1.07 -4.54
N SER A 21 -23.38 1.72 -3.42
CA SER A 21 -22.72 2.98 -3.05
C SER A 21 -21.92 2.78 -1.77
N CYS A 22 -20.87 3.58 -1.58
CA CYS A 22 -20.02 3.50 -0.41
C CYS A 22 -19.64 4.92 -0.10
N VAL A 23 -20.33 5.56 0.87
CA VAL A 23 -20.11 6.96 1.20
C VAL A 23 -19.11 7.12 2.34
N ALA A 24 -18.01 7.83 2.10
CA ALA A 24 -16.99 8.09 3.10
C ALA A 24 -17.32 9.29 3.94
N SER A 25 -17.17 9.17 5.27
CA SER A 25 -17.40 10.29 6.18
C SER A 25 -16.24 11.33 6.06
N GLY A 26 -16.41 12.48 6.69
CA GLY A 26 -15.38 13.52 6.74
C GLY A 26 -14.15 13.15 7.55
N TYR A 27 -14.15 11.98 8.19
CA TYR A 27 -12.99 11.51 8.96
C TYR A 27 -12.02 10.64 8.14
N VAL A 28 -12.40 10.18 6.94
CA VAL A 28 -11.48 9.36 6.14
C VAL A 28 -10.61 10.29 5.24
N HIS A 29 -9.28 10.12 5.31
CA HIS A 29 -8.34 10.97 4.57
C HIS A 29 -7.12 10.18 4.06
N LYS A 30 -6.37 10.79 3.11
CA LYS A 30 -5.14 10.25 2.53
C LYS A 30 -5.31 8.85 1.97
N ILE A 31 -6.42 8.62 1.29
CA ILE A 31 -6.73 7.31 0.74
C ILE A 31 -6.03 7.13 -0.57
N ASN A 32 -5.26 6.04 -0.69
CA ASN A 32 -4.60 5.74 -1.95
C ASN A 32 -5.21 4.52 -2.66
N PHE A 33 -6.27 3.92 -2.09
CA PHE A 33 -6.90 2.72 -2.60
C PHE A 33 -8.33 2.58 -2.14
N TYR A 34 -9.23 2.29 -3.05
CA TYR A 34 -10.60 1.93 -2.72
C TYR A 34 -10.83 0.55 -3.35
N GLY A 35 -11.51 -0.32 -2.64
CA GLY A 35 -11.78 -1.65 -3.16
C GLY A 35 -13.14 -2.16 -2.79
N TRP A 36 -13.66 -3.05 -3.63
CA TRP A 36 -14.90 -3.77 -3.37
C TRP A 36 -14.53 -5.23 -3.21
N TYR A 37 -15.17 -5.88 -2.24
CA TYR A 37 -14.95 -7.26 -1.90
C TYR A 37 -16.30 -7.91 -1.62
N ARG A 38 -16.33 -9.23 -1.62
CA ARG A 38 -17.56 -9.94 -1.28
C ARG A 38 -17.25 -11.15 -0.43
N GLN A 39 -18.25 -11.60 0.32
CA GLN A 39 -18.06 -12.80 1.12
C GLN A 39 -19.40 -13.47 1.25
N ALA A 40 -19.52 -14.67 0.66
CA ALA A 40 -20.77 -15.43 0.81
C ALA A 40 -20.65 -16.23 2.10
N PRO A 41 -21.78 -16.57 2.74
CA PRO A 41 -21.71 -17.37 3.98
C PRO A 41 -20.98 -18.70 3.76
N GLY A 42 -20.08 -19.03 4.68
CA GLY A 42 -19.29 -20.26 4.60
C GLY A 42 -18.10 -20.18 3.66
N LYS A 43 -17.92 -19.07 2.96
CA LYS A 43 -16.82 -18.90 2.02
C LYS A 43 -15.85 -17.78 2.45
N GLU A 44 -14.67 -17.77 1.83
CA GLU A 44 -13.67 -16.74 2.14
C GLU A 44 -13.96 -15.47 1.36
N ARG A 45 -13.41 -14.35 1.83
CA ARG A 45 -13.57 -13.08 1.17
C ARG A 45 -12.88 -13.09 -0.21
N GLU A 46 -13.54 -12.55 -1.20
CA GLU A 46 -13.00 -12.46 -2.54
C GLU A 46 -12.90 -10.99 -2.95
N LYS A 47 -11.84 -10.66 -3.68
CA LYS A 47 -11.62 -9.33 -4.23
C LYS A 47 -12.53 -9.18 -5.46
N VAL A 48 -13.19 -8.04 -5.61
CA VAL A 48 -14.11 -7.83 -6.73
C VAL A 48 -13.56 -6.79 -7.71
N ALA A 49 -13.19 -5.60 -7.23
CA ALA A 49 -12.67 -4.52 -8.06
C ALA A 49 -11.94 -3.50 -7.20
N HIS A 50 -11.06 -2.66 -7.81
CA HIS A 50 -10.39 -1.63 -7.04
C HIS A 50 -9.99 -0.41 -7.89
N ILE A 51 -9.69 0.70 -7.21
CA ILE A 51 -9.22 1.98 -7.74
C ILE A 51 -8.00 2.32 -6.90
N SER A 52 -6.89 2.69 -7.58
CA SER A 52 -5.67 3.14 -6.91
C SER A 52 -5.53 4.61 -7.25
N ILE A 53 -5.43 5.41 -6.20
CA ILE A 53 -5.36 6.84 -6.32
C ILE A 53 -4.04 7.25 -6.88
N GLY A 54 -4.16 7.56 -8.16
CA GLY A 54 -3.18 7.95 -9.17
C GLY A 54 -3.80 7.78 -10.56
N ASP A 55 -5.16 7.57 -10.62
CA ASP A 55 -6.07 7.36 -11.74
C ASP A 55 -5.93 5.96 -12.37
N GLN A 56 -6.26 4.89 -11.63
CA GLN A 56 -6.24 3.55 -12.20
C GLN A 56 -7.43 2.72 -11.77
N THR A 57 -7.89 1.84 -12.65
CA THR A 57 -9.06 0.99 -12.35
C THR A 57 -8.86 -0.49 -12.77
N ASP A 58 -9.24 -1.44 -11.89
CA ASP A 58 -9.12 -2.88 -12.18
C ASP A 58 -10.28 -3.69 -11.57
N TYR A 59 -10.68 -4.78 -12.25
CA TYR A 59 -11.80 -5.63 -11.83
C TYR A 59 -11.39 -7.11 -11.85
N ALA A 60 -11.26 -7.74 -10.66
CA ALA A 60 -10.89 -9.16 -10.55
C ALA A 60 -12.03 -10.10 -10.97
N SER A 62 -17.31 -13.45 -12.46
CA SER A 62 -16.87 -12.81 -13.70
C SER A 62 -16.76 -11.30 -13.56
N ALA A 63 -16.24 -10.84 -12.41
CA ALA A 63 -16.08 -9.39 -12.15
C ALA A 63 -15.40 -8.63 -13.28
N LYS A 64 -14.56 -9.35 -14.07
CA LYS A 64 -13.87 -8.89 -15.27
C LYS A 64 -14.92 -8.56 -16.32
N GLY A 65 -15.36 -7.31 -16.27
CA GLY A 65 -16.36 -6.79 -17.17
C GLY A 65 -17.66 -6.47 -16.46
N ARG A 66 -18.25 -7.47 -15.79
CA ARG A 66 -19.56 -7.33 -15.18
C ARG A 66 -19.63 -6.40 -14.00
N PHE A 67 -18.55 -6.24 -13.24
CA PHE A 67 -18.57 -5.37 -12.05
C PHE A 67 -17.60 -4.20 -12.27
N THR A 68 -18.14 -2.96 -12.41
CA THR A 68 -17.33 -1.77 -12.67
C THR A 68 -17.28 -0.83 -11.48
N ILE A 69 -16.08 -0.49 -11.03
CA ILE A 69 -15.89 0.44 -9.91
C ILE A 69 -15.70 1.85 -10.47
N SER A 70 -16.24 2.83 -9.80
CA SER A 70 -16.09 4.23 -10.17
C SER A 70 -16.21 5.10 -8.88
N ARG A 71 -15.98 6.41 -8.98
CA ARG A 71 -16.01 7.31 -7.82
C ARG A 71 -16.57 8.71 -8.17
N ASP A 72 -17.23 9.38 -7.21
CA ASP A 72 -17.70 10.76 -7.35
C ASP A 72 -17.00 11.50 -6.23
N GLU A 73 -15.96 12.25 -6.61
CA GLU A 73 -15.12 12.98 -5.69
C GLU A 73 -15.92 14.01 -4.91
N SER A 74 -16.82 14.74 -5.60
CA SER A 74 -17.64 15.79 -4.99
C SER A 74 -18.61 15.27 -3.92
N LYS A 75 -18.93 13.97 -3.96
CA LYS A 75 -19.82 13.34 -3.00
C LYS A 75 -19.11 12.38 -2.05
N ASN A 76 -17.76 12.22 -2.17
CA ASN A 76 -16.97 11.31 -1.36
C ASN A 76 -17.50 9.88 -1.43
N THR A 77 -18.01 9.47 -2.61
CA THR A 77 -18.64 8.17 -2.78
C THR A 77 -17.98 7.27 -3.84
N VAL A 78 -17.85 5.97 -3.53
CA VAL A 78 -17.33 4.97 -4.47
C VAL A 78 -18.50 4.08 -4.85
N TYR A 79 -18.59 3.67 -6.12
CA TYR A 79 -19.69 2.86 -6.62
C TYR A 79 -19.23 1.55 -7.22
N LEU A 80 -20.14 0.58 -7.26
CA LEU A 80 -19.90 -0.68 -7.93
C LEU A 80 -21.14 -0.94 -8.77
N GLN A 81 -20.99 -0.86 -10.10
CA GLN A 81 -22.08 -1.16 -11.01
C GLN A 81 -21.96 -2.64 -11.29
N MET A 82 -23.01 -3.43 -11.00
CA MET A 82 -23.01 -4.89 -11.19
C MET A 82 -24.01 -5.28 -12.24
N ASN A 83 -23.58 -5.86 -13.37
CA ASN A 83 -24.48 -6.24 -14.45
C ASN A 83 -24.52 -7.76 -14.62
N SER A 84 -25.57 -8.25 -15.29
CA SER A 84 -25.74 -9.65 -15.65
C SER A 84 -25.59 -10.56 -14.44
N LEU A 85 -26.26 -10.19 -13.36
CA LEU A 85 -26.09 -10.90 -12.10
C LEU A 85 -26.52 -12.37 -12.21
N ARG A 86 -25.79 -13.26 -11.56
CA ARG A 86 -26.02 -14.70 -11.55
C ARG A 86 -26.23 -15.17 -10.11
N PRO A 87 -26.91 -16.30 -9.85
CA PRO A 87 -27.09 -16.75 -8.45
C PRO A 87 -25.79 -16.87 -7.64
N GLU A 88 -24.69 -17.29 -8.29
CA GLU A 88 -23.38 -17.40 -7.61
C GLU A 88 -22.81 -16.06 -7.15
N ASP A 89 -23.41 -14.94 -7.58
CA ASP A 89 -22.96 -13.62 -7.12
C ASP A 89 -23.56 -13.22 -5.76
N THR A 90 -24.53 -14.02 -5.23
CA THR A 90 -25.18 -13.77 -3.94
C THR A 90 -24.13 -13.75 -2.84
N ALA A 91 -24.02 -12.63 -2.13
CA ALA A 91 -22.99 -12.45 -1.11
C ALA A 91 -23.21 -11.10 -0.40
N ALA A 92 -22.50 -10.86 0.73
CA ALA A 92 -22.48 -9.56 1.33
C ALA A 92 -21.34 -8.85 0.57
N TYR A 93 -21.54 -7.60 0.13
CA TYR A 93 -20.50 -6.89 -0.60
C TYR A 93 -20.00 -5.76 0.31
N TYR A 94 -18.67 -5.62 0.41
CA TYR A 94 -18.02 -4.67 1.31
C TYR A 94 -17.10 -3.75 0.55
N CYS A 95 -17.12 -2.47 0.92
CA CYS A 95 -16.18 -1.53 0.33
C CYS A 95 -15.08 -1.27 1.33
N ARG A 96 -13.93 -0.80 0.83
CA ARG A 96 -12.80 -0.56 1.69
C ARG A 96 -11.97 0.61 1.20
N ALA A 97 -11.37 1.33 2.14
CA ALA A 97 -10.49 2.45 1.83
C ALA A 97 -9.18 2.27 2.60
N LEU A 98 -8.04 2.28 1.90
CA LEU A 98 -6.73 2.15 2.51
C LEU A 98 -6.06 3.52 2.51
N SER A 99 -5.53 3.91 3.67
CA SER A 99 -4.87 5.19 3.88
C SER A 99 -3.39 5.00 4.19
N ARG A 100 -2.57 6.00 3.84
CA ARG A 100 -1.14 5.95 4.15
C ARG A 100 -0.84 6.23 5.64
N ILE A 101 -1.84 6.72 6.38
CA ILE A 101 -1.68 7.10 7.79
C ILE A 101 -2.64 6.34 8.66
N TRP A 102 -2.36 6.27 9.98
CA TRP A 102 -3.25 5.59 10.94
C TRP A 102 -4.66 6.19 10.88
N PRO A 103 -5.78 5.41 10.92
CA PRO A 103 -5.87 3.98 11.19
C PRO A 103 -5.68 3.02 10.00
N TYR A 104 -5.15 3.52 8.88
CA TYR A 104 -4.76 2.75 7.71
C TYR A 104 -5.83 2.03 6.88
N ASP A 105 -6.92 1.56 7.46
CA ASP A 105 -7.87 0.74 6.76
C ASP A 105 -9.25 0.99 7.27
N TYR A 106 -10.19 1.21 6.36
CA TYR A 106 -11.59 1.48 6.68
C TYR A 106 -12.42 0.50 5.90
N TRP A 107 -13.38 -0.15 6.56
CA TRP A 107 -14.28 -1.07 5.89
C TRP A 107 -15.71 -0.58 6.06
N GLY A 108 -16.51 -0.80 5.01
CA GLY A 108 -17.95 -0.52 5.07
C GLY A 108 -18.66 -1.58 5.90
N GLN A 109 -19.91 -1.31 6.29
CA GLN A 109 -20.70 -2.29 7.06
C GLN A 109 -21.23 -3.45 6.23
N GLY A 110 -21.21 -3.32 4.90
CA GLY A 110 -21.75 -4.31 3.97
C GLY A 110 -23.14 -4.00 3.46
N THR A 111 -23.51 -4.59 2.32
CA THR A 111 -24.85 -4.52 1.76
C THR A 111 -25.09 -5.90 1.10
N LEU A 112 -26.29 -6.44 1.24
CA LEU A 112 -26.58 -7.78 0.73
C LEU A 112 -27.05 -7.77 -0.69
N VAL A 113 -26.43 -8.61 -1.54
CA VAL A 113 -26.85 -8.75 -2.92
C VAL A 113 -27.37 -10.16 -3.04
N THR A 114 -28.62 -10.31 -3.48
CA THR A 114 -29.25 -11.61 -3.59
C THR A 114 -29.79 -11.80 -5.00
N VAL A 115 -29.26 -12.76 -5.74
CA VAL A 115 -29.74 -13.02 -7.10
C VAL A 115 -30.64 -14.25 -7.03
N SER A 116 -31.93 -14.06 -7.22
CA SER A 116 -32.92 -15.12 -7.08
C SER A 116 -34.06 -14.92 -8.07
N SER A 117 -34.36 -15.94 -8.87
CA SER A 117 -35.44 -15.87 -9.86
C SER A 117 -36.76 -16.34 -9.31
N ASP B 1 16.14 -0.78 -30.61
CA ASP B 1 14.72 -0.52 -30.44
C ASP B 1 14.52 0.27 -29.15
N VAL B 2 14.45 1.60 -29.25
CA VAL B 2 14.23 2.47 -28.08
C VAL B 2 12.78 3.00 -28.11
N GLN B 3 11.94 2.48 -27.22
CA GLN B 3 10.55 2.92 -27.13
C GLN B 3 10.26 3.91 -25.99
N LEU B 4 11.22 4.12 -25.08
CA LEU B 4 11.12 5.08 -23.99
C LEU B 4 12.19 6.12 -24.23
N VAL B 5 11.80 7.36 -24.54
CA VAL B 5 12.78 8.41 -24.81
C VAL B 5 12.93 9.34 -23.62
N GLU B 6 14.15 9.43 -23.08
CA GLU B 6 14.43 10.31 -21.96
C GLU B 6 15.00 11.66 -22.37
N SER B 7 14.87 12.62 -21.44
CA SER B 7 15.37 13.97 -21.52
C SER B 7 15.34 14.57 -20.08
N GLY B 8 15.92 15.75 -19.92
CA GLY B 8 15.92 16.43 -18.62
C GLY B 8 17.27 16.38 -17.96
N GLY B 9 17.60 17.40 -17.22
CA GLY B 9 18.91 17.47 -16.59
C GLY B 9 20.16 17.47 -17.47
N GLY B 10 21.18 18.04 -16.91
CA GLY B 10 22.49 18.16 -17.50
C GLY B 10 23.38 18.32 -16.31
N VAL B 11 24.03 19.46 -16.22
CA VAL B 11 24.92 19.70 -15.10
C VAL B 11 24.27 20.73 -14.18
N VAL B 12 24.26 20.40 -12.90
CA VAL B 12 23.66 21.21 -11.87
C VAL B 12 24.65 21.33 -10.69
N GLN B 13 24.56 22.41 -9.88
CA GLN B 13 25.44 22.54 -8.72
C GLN B 13 24.82 21.74 -7.55
N PRO B 14 25.62 21.35 -6.52
CA PRO B 14 25.04 20.64 -5.38
C PRO B 14 23.92 21.45 -4.74
N GLY B 15 22.84 20.78 -4.39
CA GLY B 15 21.67 21.47 -3.84
C GLY B 15 20.64 21.81 -4.90
N GLY B 16 21.01 21.69 -6.17
CA GLY B 16 20.11 21.97 -7.29
C GLY B 16 19.14 20.83 -7.56
N SER B 17 18.21 21.07 -8.48
CA SER B 17 17.19 20.11 -8.87
C SER B 17 17.19 19.85 -10.36
N LEU B 18 16.61 18.73 -10.76
CA LEU B 18 16.42 18.35 -12.16
C LEU B 18 15.12 17.57 -12.23
N ARG B 19 14.48 17.57 -13.40
CA ARG B 19 13.27 16.78 -13.61
C ARG B 19 13.47 15.99 -14.87
N LEU B 20 13.60 14.67 -14.74
CA LEU B 20 13.79 13.81 -15.89
C LEU B 20 12.44 13.38 -16.44
N SER B 21 12.35 13.26 -17.77
CA SER B 21 11.15 12.76 -18.44
C SER B 21 11.46 11.45 -19.14
N CYS B 22 10.43 10.61 -19.32
CA CYS B 22 10.58 9.33 -19.98
C CYS B 22 9.32 9.16 -20.76
N VAL B 23 9.34 9.44 -22.07
CA VAL B 23 8.15 9.38 -22.91
C VAL B 23 8.03 8.03 -23.61
N ALA B 24 6.90 7.33 -23.36
CA ALA B 24 6.63 6.03 -23.96
C ALA B 24 5.96 6.19 -25.30
N SER B 25 6.41 5.43 -26.30
CA SER B 25 5.77 5.45 -27.62
C SER B 25 4.40 4.72 -27.58
N GLY B 26 3.63 4.81 -28.65
CA GLY B 26 2.36 4.09 -28.75
C GLY B 26 2.48 2.58 -28.85
N TYR B 27 3.72 2.06 -28.88
CA TYR B 27 3.95 0.62 -28.95
C TYR B 27 4.07 -0.05 -27.58
N VAL B 28 4.14 0.73 -26.48
CA VAL B 28 4.27 0.15 -25.14
C VAL B 28 2.88 -0.06 -24.51
N HIS B 29 2.57 -1.32 -24.17
CA HIS B 29 1.27 -1.66 -23.59
C HIS B 29 1.39 -2.69 -22.47
N LYS B 30 0.31 -2.86 -21.67
CA LYS B 30 0.17 -3.84 -20.60
C LYS B 30 1.29 -3.74 -19.57
N ILE B 31 1.65 -2.52 -19.20
CA ILE B 31 2.73 -2.31 -18.26
C ILE B 31 2.30 -2.50 -16.84
N ASN B 32 3.00 -3.36 -16.09
CA ASN B 32 2.70 -3.57 -14.67
C ASN B 32 3.81 -3.01 -13.75
N PHE B 33 4.80 -2.25 -14.30
CA PHE B 33 5.88 -1.69 -13.50
C PHE B 33 6.60 -0.61 -14.29
N TYR B 34 6.82 0.58 -13.68
CA TYR B 34 7.66 1.65 -14.26
C TYR B 34 8.75 1.89 -13.21
N GLY B 35 9.99 2.05 -13.66
CA GLY B 35 11.08 2.28 -12.70
C GLY B 35 12.14 3.22 -13.20
N TRP B 36 12.85 3.85 -12.28
CA TRP B 36 14.01 4.68 -12.56
C TRP B 36 15.20 4.00 -11.92
N TYR B 37 16.30 3.96 -12.64
CA TYR B 37 17.54 3.36 -12.20
C TYR B 37 18.69 4.29 -12.57
N ARG B 38 19.87 4.05 -11.98
CA ARG B 38 21.04 4.82 -12.34
C ARG B 38 22.27 3.92 -12.40
N GLN B 39 23.27 4.35 -13.15
CA GLN B 39 24.53 3.63 -13.20
C GLN B 39 25.65 4.60 -13.42
N ALA B 40 26.51 4.74 -12.42
CA ALA B 40 27.68 5.62 -12.54
C ALA B 40 28.79 4.80 -13.17
N PRO B 41 29.73 5.45 -13.91
CA PRO B 41 30.81 4.67 -14.53
C PRO B 41 31.64 3.93 -13.47
N GLY B 42 31.96 2.67 -13.75
CA GLY B 42 32.71 1.84 -12.83
C GLY B 42 31.86 1.20 -11.74
N LYS B 43 30.58 1.56 -11.63
CA LYS B 43 29.70 1.03 -10.58
C LYS B 43 28.54 0.19 -11.15
N GLU B 44 27.85 -0.56 -10.27
CA GLU B 44 26.71 -1.35 -10.65
C GLU B 44 25.45 -0.49 -10.73
N ARG B 45 24.45 -0.98 -11.47
CA ARG B 45 23.17 -0.31 -11.60
C ARG B 45 22.47 -0.31 -10.24
N GLU B 46 21.85 0.80 -9.89
CA GLU B 46 21.10 0.93 -8.66
C GLU B 46 19.67 1.31 -8.96
N LYS B 47 18.74 0.80 -8.16
CA LYS B 47 17.34 1.16 -8.27
C LYS B 47 17.14 2.52 -7.60
N VAL B 48 16.35 3.40 -8.22
CA VAL B 48 16.14 4.73 -7.69
C VAL B 48 14.71 4.86 -7.16
N ALA B 49 13.70 4.58 -8.01
CA ALA B 49 12.29 4.69 -7.65
C ALA B 49 11.43 3.80 -8.57
N HIS B 50 10.22 3.42 -8.13
CA HIS B 50 9.35 2.60 -8.96
C HIS B 50 7.86 2.77 -8.65
N ILE B 51 7.01 2.27 -9.55
CA ILE B 51 5.57 2.25 -9.43
C ILE B 51 5.18 0.86 -9.89
N SER B 52 4.54 0.08 -9.00
CA SER B 52 4.07 -1.25 -9.35
C SER B 52 2.59 -1.07 -9.66
N ILE B 53 2.18 -1.24 -10.94
CA ILE B 53 0.80 -1.03 -11.37
C ILE B 53 -0.16 -1.98 -10.67
N GLN B 56 1.10 1.13 -6.07
CA GLN B 56 2.24 1.13 -5.15
C GLN B 56 3.44 1.93 -5.69
N THR B 57 3.67 3.16 -5.18
CA THR B 57 4.79 4.03 -5.60
C THR B 57 5.87 4.06 -4.50
N ASP B 58 7.11 3.68 -4.86
CA ASP B 58 8.21 3.64 -3.91
C ASP B 58 9.43 4.47 -4.35
N TYR B 59 10.12 5.11 -3.40
CA TYR B 59 11.31 5.93 -3.70
C TYR B 59 12.54 5.41 -2.90
N ALA B 60 13.74 5.97 -3.14
CA ALA B 60 14.94 5.54 -2.41
C ALA B 60 15.02 6.16 -1.02
N ALA B 63 18.77 9.13 2.73
CA ALA B 63 19.40 8.22 1.77
C ALA B 63 18.66 8.19 0.42
N LYS B 64 18.71 9.30 -0.31
CA LYS B 64 18.09 9.49 -1.63
C LYS B 64 16.56 9.46 -1.62
N GLY B 65 15.96 9.80 -0.48
CA GLY B 65 14.50 9.93 -0.37
C GLY B 65 14.05 11.30 -0.86
N ARG B 66 14.78 11.83 -1.86
CA ARG B 66 14.66 13.11 -2.55
C ARG B 66 14.21 12.94 -4.02
N PHE B 67 14.14 11.70 -4.53
CA PHE B 67 13.77 11.41 -5.92
C PHE B 67 12.32 10.92 -6.01
N THR B 68 11.40 11.79 -6.48
CA THR B 68 10.00 11.43 -6.59
C THR B 68 9.60 10.98 -7.98
N ILE B 69 9.05 9.77 -8.10
CA ILE B 69 8.56 9.26 -9.38
C ILE B 69 7.07 9.58 -9.50
N SER B 70 6.63 9.97 -10.69
CA SER B 70 5.23 10.27 -10.97
C SER B 70 4.97 10.01 -12.45
N ARG B 71 3.71 10.10 -12.89
CA ARG B 71 3.39 9.88 -14.29
C ARG B 71 2.21 10.69 -14.77
N ASP B 72 2.20 11.01 -16.05
CA ASP B 72 1.10 11.70 -16.69
C ASP B 72 0.60 10.75 -17.76
N GLU B 73 -0.51 10.03 -17.49
CA GLU B 73 -1.06 9.07 -18.43
C GLU B 73 -1.51 9.74 -19.73
N SER B 74 -2.09 10.94 -19.67
CA SER B 74 -2.54 11.67 -20.87
C SER B 74 -1.38 12.02 -21.84
N LYS B 75 -0.14 12.01 -21.35
CA LYS B 75 1.04 12.29 -22.15
C LYS B 75 1.95 11.07 -22.32
N ASN B 76 1.58 9.91 -21.73
CA ASN B 76 2.35 8.67 -21.76
C ASN B 76 3.77 8.89 -21.21
N THR B 77 3.91 9.75 -20.21
CA THR B 77 5.22 10.11 -19.67
C THR B 77 5.41 9.81 -18.19
N VAL B 78 6.58 9.29 -17.82
CA VAL B 78 6.94 9.02 -16.43
C VAL B 78 8.03 10.06 -16.07
N TYR B 79 7.98 10.63 -14.87
CA TYR B 79 8.93 11.64 -14.43
C TYR B 79 9.71 11.24 -13.20
N LEU B 80 10.86 11.87 -13.02
CA LEU B 80 11.64 11.72 -11.81
C LEU B 80 12.02 13.14 -11.41
N GLN B 81 11.44 13.62 -10.31
CA GLN B 81 11.78 14.92 -9.77
C GLN B 81 12.93 14.67 -8.81
N MET B 82 14.08 15.32 -9.02
CA MET B 82 15.24 15.09 -8.17
C MET B 82 15.59 16.37 -7.49
N ASN B 83 15.63 16.37 -6.15
CA ASN B 83 15.96 17.56 -5.36
C ASN B 83 17.21 17.33 -4.52
N SER B 84 17.82 18.43 -4.03
CA SER B 84 18.99 18.42 -3.16
C SER B 84 20.11 17.52 -3.70
N LEU B 85 20.42 17.70 -4.99
CA LEU B 85 21.40 16.85 -5.64
C LEU B 85 22.78 16.97 -5.02
N ARG B 86 23.49 15.84 -4.92
CA ARG B 86 24.82 15.75 -4.34
C ARG B 86 25.80 15.20 -5.39
N PRO B 87 27.13 15.44 -5.27
CA PRO B 87 28.06 14.89 -6.27
C PRO B 87 27.97 13.37 -6.48
N GLU B 88 27.67 12.61 -5.42
CA GLU B 88 27.49 11.16 -5.50
C GLU B 88 26.31 10.73 -6.35
N ASP B 89 25.41 11.66 -6.70
CA ASP B 89 24.27 11.35 -7.56
C ASP B 89 24.60 11.35 -9.03
N THR B 90 25.83 11.77 -9.42
CA THR B 90 26.29 11.84 -10.80
C THR B 90 26.25 10.45 -11.39
N ALA B 91 25.44 10.27 -12.44
CA ALA B 91 25.25 8.95 -13.06
C ALA B 91 24.40 9.12 -14.33
N ALA B 92 24.34 8.06 -15.17
CA ALA B 92 23.38 8.02 -16.26
C ALA B 92 22.10 7.49 -15.59
N TYR B 93 20.94 8.13 -15.84
CA TYR B 93 19.69 7.69 -15.22
C TYR B 93 18.84 7.06 -16.32
N TYR B 94 18.26 5.90 -16.05
CA TYR B 94 17.49 5.14 -17.02
C TYR B 94 16.10 4.86 -16.53
N CYS B 95 15.11 4.96 -17.42
CA CYS B 95 13.73 4.61 -17.07
C CYS B 95 13.43 3.27 -17.67
N ARG B 96 12.44 2.59 -17.11
CA ARG B 96 12.10 1.25 -17.53
C ARG B 96 10.61 0.99 -17.41
N ALA B 97 10.05 0.21 -18.36
CA ALA B 97 8.66 -0.22 -18.31
C ALA B 97 8.62 -1.76 -18.50
N LEU B 98 7.99 -2.49 -17.56
CA LEU B 98 7.90 -3.95 -17.67
C LEU B 98 6.48 -4.31 -18.07
N SER B 99 6.32 -5.16 -19.09
CA SER B 99 5.03 -5.57 -19.62
C SER B 99 4.76 -7.07 -19.41
N ARG B 100 3.49 -7.46 -19.33
CA ARG B 100 3.12 -8.86 -19.19
C ARG B 100 3.22 -9.62 -20.52
N ILE B 101 3.44 -8.91 -21.65
CA ILE B 101 3.53 -9.55 -22.94
C ILE B 101 4.86 -9.22 -23.61
N TRP B 102 5.27 -10.03 -24.61
CA TRP B 102 6.51 -9.81 -25.34
C TRP B 102 6.48 -8.43 -25.99
N PRO B 103 7.60 -7.63 -25.97
CA PRO B 103 8.96 -7.96 -25.56
C PRO B 103 9.31 -7.81 -24.07
N TYR B 104 8.29 -7.70 -23.21
CA TYR B 104 8.42 -7.73 -21.75
C TYR B 104 9.12 -6.59 -21.04
N ASP B 105 10.20 -6.05 -21.61
CA ASP B 105 11.00 -5.06 -20.93
C ASP B 105 11.44 -3.96 -21.86
N TYR B 106 11.17 -2.72 -21.49
CA TYR B 106 11.56 -1.59 -22.27
C TYR B 106 12.47 -0.73 -21.40
N TRP B 107 13.60 -0.30 -21.94
CA TRP B 107 14.51 0.59 -21.24
C TRP B 107 14.68 1.83 -22.08
N GLY B 108 14.80 2.95 -21.39
CA GLY B 108 15.12 4.22 -22.04
C GLY B 108 16.58 4.26 -22.44
N GLN B 109 16.96 5.24 -23.28
CA GLN B 109 18.35 5.35 -23.74
C GLN B 109 19.30 5.99 -22.66
N GLY B 110 18.71 6.60 -21.64
CA GLY B 110 19.44 7.26 -20.58
C GLY B 110 19.55 8.76 -20.75
N THR B 111 19.84 9.44 -19.67
CA THR B 111 20.10 10.88 -19.63
C THR B 111 21.16 11.09 -18.55
N LEU B 112 22.11 11.98 -18.80
CA LEU B 112 23.20 12.20 -17.85
C LEU B 112 22.89 13.27 -16.84
N VAL B 113 23.09 12.96 -15.56
CA VAL B 113 22.90 13.90 -14.48
C VAL B 113 24.29 14.12 -13.89
N THR B 114 24.76 15.36 -13.88
CA THR B 114 26.09 15.66 -13.39
C THR B 114 25.98 16.72 -12.31
N VAL B 115 26.39 16.38 -11.07
CA VAL B 115 26.34 17.36 -9.99
C VAL B 115 27.76 17.84 -9.74
N SER B 116 28.03 19.11 -10.08
CA SER B 116 29.36 19.68 -10.01
C SER B 116 29.30 21.15 -9.61
N SER B 117 30.02 21.54 -8.55
CA SER B 117 30.03 22.92 -8.07
C SER B 117 31.12 23.77 -8.69
N ASP C 1 -12.72 3.16 16.95
CA ASP C 1 -12.91 1.83 17.50
C ASP C 1 -11.55 1.17 17.70
N VAL C 2 -11.03 1.17 18.93
CA VAL C 2 -9.73 0.52 19.22
C VAL C 2 -9.92 -0.80 19.98
N GLN C 3 -9.70 -1.93 19.30
CA GLN C 3 -9.88 -3.25 19.92
C GLN C 3 -8.56 -3.92 20.36
N LEU C 4 -7.42 -3.38 19.93
CA LEU C 4 -6.09 -3.86 20.27
C LEU C 4 -5.43 -2.72 21.06
N VAL C 5 -5.14 -2.96 22.34
CA VAL C 5 -4.57 -1.93 23.19
C VAL C 5 -3.08 -2.18 23.41
N GLU C 6 -2.24 -1.23 22.99
CA GLU C 6 -0.80 -1.37 23.13
C GLU C 6 -0.27 -0.66 24.37
N SER C 7 0.90 -1.10 24.79
CA SER C 7 1.68 -0.56 25.88
C SER C 7 3.13 -1.07 25.72
N GLY C 8 4.04 -0.56 26.55
CA GLY C 8 5.41 -1.03 26.54
C GLY C 8 6.43 -0.10 25.91
N GLY C 9 5.98 0.92 25.20
CA GLY C 9 6.89 1.88 24.60
C GLY C 9 7.52 2.77 25.67
N GLY C 10 8.51 3.53 25.28
CA GLY C 10 9.19 4.45 26.20
C GLY C 10 10.51 4.93 25.64
N VAL C 11 11.25 5.70 26.42
CA VAL C 11 12.53 6.20 25.96
C VAL C 11 13.63 5.35 26.56
N VAL C 12 14.53 4.93 25.69
CA VAL C 12 15.61 4.05 26.05
C VAL C 12 16.91 4.58 25.39
N GLN C 13 18.06 4.26 25.96
CA GLN C 13 19.34 4.66 25.36
C GLN C 13 19.73 3.60 24.33
N PRO C 14 20.58 3.93 23.33
CA PRO C 14 21.01 2.89 22.37
C PRO C 14 21.60 1.67 23.07
N GLY C 15 21.22 0.49 22.61
CA GLY C 15 21.64 -0.75 23.24
C GLY C 15 20.61 -1.28 24.23
N GLY C 16 19.62 -0.45 24.58
CA GLY C 16 18.56 -0.86 25.50
C GLY C 16 17.49 -1.72 24.85
N SER C 17 16.53 -2.23 25.65
CA SER C 17 15.45 -3.08 25.16
C SER C 17 14.09 -2.54 25.56
N LEU C 18 13.06 -2.96 24.84
CA LEU C 18 11.69 -2.67 25.14
C LEU C 18 10.87 -3.93 24.80
N ARG C 19 9.77 -4.15 25.49
CA ARG C 19 8.87 -5.25 25.16
C ARG C 19 7.52 -4.62 24.98
N LEU C 20 7.01 -4.62 23.74
CA LEU C 20 5.69 -4.06 23.49
C LEU C 20 4.64 -5.13 23.64
N SER C 21 3.47 -4.75 24.18
CA SER C 21 2.32 -5.65 24.32
C SER C 21 1.17 -5.14 23.44
N CYS C 22 0.30 -6.06 23.00
CA CYS C 22 -0.84 -5.71 22.17
C CYS C 22 -1.95 -6.61 22.67
N VAL C 23 -2.84 -6.08 23.52
CA VAL C 23 -3.91 -6.89 24.11
C VAL C 23 -5.20 -6.80 23.30
N ALA C 24 -5.70 -7.94 22.85
CA ALA C 24 -6.93 -8.01 22.06
C ALA C 24 -8.15 -8.11 22.95
N SER C 25 -9.20 -7.35 22.64
CA SER C 25 -10.44 -7.40 23.40
C SER C 25 -11.23 -8.71 23.07
N GLY C 26 -12.28 -8.98 23.82
CA GLY C 26 -13.15 -10.12 23.57
C GLY C 26 -13.97 -10.03 22.30
N TYR C 27 -13.88 -8.90 21.58
CA TYR C 27 -14.61 -8.72 20.32
C TYR C 27 -13.81 -9.17 19.10
N VAL C 28 -12.50 -9.44 19.24
CA VAL C 28 -11.68 -9.84 18.11
C VAL C 28 -11.67 -11.38 18.01
N HIS C 29 -12.07 -11.92 16.85
CA HIS C 29 -12.19 -13.37 16.61
C HIS C 29 -11.70 -13.77 15.21
N LYS C 30 -11.45 -15.07 15.01
CA LYS C 30 -11.08 -15.70 13.74
C LYS C 30 -9.87 -15.04 13.10
N ILE C 31 -8.87 -14.73 13.92
CA ILE C 31 -7.67 -14.06 13.44
C ILE C 31 -6.73 -15.05 12.82
N ASN C 32 -6.31 -14.79 11.59
CA ASN C 32 -5.32 -15.67 10.95
C ASN C 32 -3.95 -14.98 10.80
N PHE C 33 -3.79 -13.75 11.34
CA PHE C 33 -2.54 -13.03 11.23
C PHE C 33 -2.45 -11.93 12.27
N TYR C 34 -1.30 -11.84 12.96
CA TYR C 34 -0.98 -10.73 13.87
C TYR C 34 0.31 -10.12 13.36
N GLY C 35 0.37 -8.81 13.29
CA GLY C 35 1.57 -8.15 12.79
C GLY C 35 1.97 -6.93 13.60
N TRP C 36 3.25 -6.60 13.54
CA TRP C 36 3.79 -5.39 14.10
C TRP C 36 4.32 -4.55 12.96
N TYR C 37 4.03 -3.27 13.02
CA TYR C 37 4.45 -2.30 12.02
C TYR C 37 4.98 -1.07 12.75
N ARG C 38 5.72 -0.21 12.01
CA ARG C 38 6.18 1.02 12.57
C ARG C 38 6.06 2.15 11.56
N GLN C 39 5.96 3.37 12.05
CA GLN C 39 5.94 4.52 11.17
C GLN C 39 6.65 5.65 11.86
N ALA C 40 7.81 5.99 11.34
CA ALA C 40 8.60 7.08 11.85
C ALA C 40 8.12 8.35 11.17
N PRO C 41 8.27 9.52 11.83
CA PRO C 41 7.85 10.77 11.19
C PRO C 41 8.60 10.98 9.86
N GLY C 42 7.85 11.40 8.84
CA GLY C 42 8.41 11.61 7.51
C GLY C 42 8.56 10.35 6.68
N LYS C 43 8.25 9.18 7.26
CA LYS C 43 8.39 7.92 6.56
C LYS C 43 7.07 7.17 6.37
N GLU C 44 7.05 6.22 5.44
CA GLU C 44 5.89 5.38 5.22
C GLU C 44 5.89 4.24 6.25
N ARG C 45 4.75 3.60 6.43
CA ARG C 45 4.62 2.49 7.35
C ARG C 45 5.49 1.31 6.87
N GLU C 46 6.22 0.71 7.80
CA GLU C 46 7.10 -0.42 7.52
C GLU C 46 6.65 -1.62 8.30
N LYS C 47 6.76 -2.78 7.70
CA LYS C 47 6.46 -4.03 8.37
C LYS C 47 7.63 -4.39 9.27
N VAL C 48 7.34 -4.88 10.48
CA VAL C 48 8.38 -5.23 11.43
C VAL C 48 8.44 -6.72 11.60
N ALA C 49 7.31 -7.35 11.99
CA ALA C 49 7.24 -8.80 12.22
C ALA C 49 5.81 -9.31 12.10
N HIS C 50 5.60 -10.63 11.92
CA HIS C 50 4.23 -11.16 11.88
C HIS C 50 4.15 -12.62 12.29
N ILE C 51 2.98 -13.03 12.78
CA ILE C 51 2.63 -14.39 13.11
C ILE C 51 1.46 -14.72 12.20
N SER C 52 1.56 -15.78 11.43
CA SER C 52 0.46 -16.24 10.60
C SER C 52 -0.09 -17.47 11.28
N ILE C 53 -1.35 -17.40 11.75
CA ILE C 53 -2.03 -18.46 12.48
C ILE C 53 -2.11 -19.71 11.68
N GLY C 54 -1.23 -20.60 12.10
CA GLY C 54 -0.88 -21.93 11.64
C GLY C 54 0.50 -22.30 12.17
N ASP C 55 1.00 -21.53 13.20
CA ASP C 55 2.29 -21.59 13.87
C ASP C 55 3.44 -21.12 12.95
N GLN C 56 3.36 -19.88 12.35
CA GLN C 56 4.42 -19.31 11.49
C GLN C 56 4.86 -17.90 11.90
N THR C 57 6.16 -17.66 12.04
CA THR C 57 6.69 -16.37 12.45
C THR C 57 7.75 -15.80 11.46
N ASP C 58 7.71 -14.48 11.16
CA ASP C 58 8.70 -13.82 10.26
C ASP C 58 8.99 -12.36 10.67
N TYR C 59 10.07 -11.71 10.10
CA TYR C 59 10.59 -10.36 10.40
C TYR C 59 11.09 -9.56 9.17
N ALA C 60 11.29 -8.24 9.33
CA ALA C 60 11.85 -7.40 8.27
C ALA C 60 13.38 -7.34 8.43
N ASP C 61 14.13 -6.90 7.37
CA ASP C 61 15.59 -6.81 7.41
C ASP C 61 16.13 -6.02 8.60
N SER C 62 15.61 -4.79 8.84
CA SER C 62 16.05 -3.94 9.97
C SER C 62 15.58 -4.46 11.35
N ALA C 63 14.86 -5.62 11.40
CA ALA C 63 14.38 -6.25 12.62
C ALA C 63 14.92 -7.71 12.80
N LYS C 64 15.56 -8.26 11.79
CA LYS C 64 16.07 -9.62 11.82
C LYS C 64 17.12 -9.82 12.89
N GLY C 65 16.75 -10.62 13.87
CA GLY C 65 17.63 -10.97 14.96
C GLY C 65 17.20 -10.23 16.19
N ARG C 66 17.21 -8.88 16.08
CA ARG C 66 16.96 -7.98 17.19
C ARG C 66 15.58 -8.01 17.75
N PHE C 67 14.56 -8.10 16.86
CA PHE C 67 13.19 -8.13 17.37
C PHE C 67 12.60 -9.51 17.27
N THR C 68 11.69 -9.83 18.17
CA THR C 68 11.05 -11.12 18.20
C THR C 68 9.56 -10.98 18.49
N ILE C 69 8.70 -11.49 17.60
CA ILE C 69 7.26 -11.48 17.82
C ILE C 69 6.88 -12.82 18.48
N SER C 70 5.95 -12.79 19.43
CA SER C 70 5.44 -13.99 20.09
C SER C 70 4.01 -13.69 20.59
N ARG C 71 3.30 -14.68 21.12
CA ARG C 71 1.94 -14.47 21.60
C ARG C 71 1.58 -15.39 22.75
N ASP C 72 0.69 -14.89 23.62
CA ASP C 72 0.18 -15.67 24.75
C ASP C 72 -1.32 -15.76 24.51
N GLU C 73 -1.80 -16.91 24.02
CA GLU C 73 -3.22 -17.10 23.73
C GLU C 73 -4.07 -17.01 25.02
N SER C 74 -3.55 -17.53 26.15
CA SER C 74 -4.31 -17.48 27.42
C SER C 74 -4.56 -16.04 27.91
N LYS C 75 -3.79 -15.08 27.44
CA LYS C 75 -3.92 -13.67 27.79
C LYS C 75 -4.41 -12.80 26.62
N ASN C 76 -4.66 -13.41 25.43
CA ASN C 76 -5.08 -12.70 24.22
C ASN C 76 -4.09 -11.59 23.85
N THR C 77 -2.79 -11.80 24.10
CA THR C 77 -1.77 -10.77 23.88
C THR C 77 -0.66 -11.16 22.91
N VAL C 78 -0.25 -10.22 22.05
CA VAL C 78 0.86 -10.40 21.13
C VAL C 78 1.99 -9.49 21.63
N TYR C 79 3.24 -9.98 21.57
CA TYR C 79 4.38 -9.21 22.03
C TYR C 79 5.42 -8.95 20.96
N LEU C 80 6.22 -7.92 21.16
CA LEU C 80 7.37 -7.63 20.33
C LEU C 80 8.50 -7.38 21.30
N GLN C 81 9.49 -8.31 21.38
CA GLN C 81 10.66 -8.10 22.22
C GLN C 81 11.66 -7.36 21.32
N MET C 82 12.10 -6.17 21.72
CA MET C 82 13.00 -5.34 20.91
C MET C 82 14.35 -5.16 21.62
N ASN C 83 15.44 -5.75 21.11
CA ASN C 83 16.75 -5.66 21.72
C ASN C 83 17.70 -4.81 20.88
N SER C 84 18.82 -4.37 21.50
CA SER C 84 19.91 -3.62 20.86
C SER C 84 19.36 -2.42 20.08
N LEU C 85 18.47 -1.67 20.71
CA LEU C 85 17.81 -0.56 20.04
C LEU C 85 18.81 0.49 19.56
N ARG C 86 18.54 1.04 18.39
CA ARG C 86 19.35 2.07 17.74
C ARG C 86 18.50 3.32 17.51
N PRO C 87 19.08 4.53 17.38
CA PRO C 87 18.26 5.73 17.15
C PRO C 87 17.30 5.62 15.95
N GLU C 88 17.71 4.93 14.88
CA GLU C 88 16.85 4.71 13.70
C GLU C 88 15.61 3.88 13.97
N ASP C 89 15.54 3.23 15.15
CA ASP C 89 14.33 2.47 15.50
C ASP C 89 13.23 3.35 16.10
N THR C 90 13.50 4.64 16.37
CA THR C 90 12.53 5.58 16.92
C THR C 90 11.34 5.68 15.95
N ALA C 91 10.15 5.38 16.43
CA ALA C 91 8.96 5.35 15.59
C ALA C 91 7.73 5.05 16.48
N ALA C 92 6.52 5.27 15.94
CA ALA C 92 5.32 4.81 16.61
C ALA C 92 5.22 3.35 16.14
N TYR C 93 4.96 2.39 17.04
CA TYR C 93 4.86 0.99 16.66
C TYR C 93 3.41 0.58 16.82
N TYR C 94 2.86 -0.11 15.80
CA TYR C 94 1.46 -0.50 15.77
C TYR C 94 1.28 -1.96 15.60
N CYS C 95 0.35 -2.54 16.33
CA CYS C 95 0.01 -3.95 16.15
C CYS C 95 -1.27 -4.04 15.32
N ARG C 96 -1.44 -5.16 14.63
CA ARG C 96 -2.56 -5.37 13.75
C ARG C 96 -3.05 -6.82 13.88
N ALA C 97 -4.35 -7.05 13.72
CA ALA C 97 -4.91 -8.41 13.70
C ALA C 97 -5.87 -8.52 12.49
N LEU C 98 -5.63 -9.50 11.61
CA LEU C 98 -6.46 -9.70 10.42
C LEU C 98 -7.34 -10.90 10.64
N SER C 99 -8.63 -10.76 10.34
CA SER C 99 -9.65 -11.78 10.53
C SER C 99 -10.23 -12.25 9.17
N ARG C 100 -10.69 -13.50 9.12
CA ARG C 100 -11.33 -14.03 7.90
C ARG C 100 -12.76 -13.50 7.72
N ILE C 101 -13.34 -12.87 8.76
CA ILE C 101 -14.69 -12.37 8.74
C ILE C 101 -14.73 -10.89 9.02
N TRP C 102 -15.83 -10.21 8.65
CA TRP C 102 -16.04 -8.79 8.90
C TRP C 102 -15.90 -8.51 10.42
N PRO C 103 -15.18 -7.46 10.85
CA PRO C 103 -14.71 -6.35 10.04
C PRO C 103 -13.29 -6.46 9.52
N TYR C 104 -12.77 -7.69 9.42
CA TYR C 104 -11.51 -8.06 8.77
C TYR C 104 -10.18 -7.52 9.30
N ASP C 105 -10.10 -6.27 9.77
CA ASP C 105 -8.82 -5.70 10.17
C ASP C 105 -8.93 -4.86 11.40
N TYR C 106 -8.07 -5.12 12.38
CA TYR C 106 -8.04 -4.38 13.65
C TYR C 106 -6.66 -3.80 13.79
N TRP C 107 -6.57 -2.51 14.15
CA TRP C 107 -5.30 -1.86 14.40
C TRP C 107 -5.25 -1.33 15.82
N GLY C 108 -4.07 -1.39 16.42
CA GLY C 108 -3.85 -0.83 17.75
C GLY C 108 -3.71 0.67 17.67
N GLN C 109 -3.73 1.34 18.84
CA GLN C 109 -3.59 2.79 18.87
C GLN C 109 -2.15 3.29 18.68
N GLY C 110 -1.18 2.41 18.86
CA GLY C 110 0.23 2.73 18.78
C GLY C 110 0.88 2.96 20.14
N THR C 111 2.22 2.81 20.17
CA THR C 111 3.04 3.11 21.34
C THR C 111 4.34 3.72 20.81
N LEU C 112 4.87 4.74 21.48
CA LEU C 112 6.07 5.41 21.02
C LEU C 112 7.32 4.75 21.54
N VAL C 113 8.25 4.47 20.63
CA VAL C 113 9.54 3.95 20.98
C VAL C 113 10.54 5.06 20.65
N THR C 114 11.26 5.57 21.66
CA THR C 114 12.23 6.64 21.42
C THR C 114 13.61 6.15 21.86
N VAL C 115 14.60 6.16 20.95
CA VAL C 115 15.92 5.71 21.29
C VAL C 115 16.78 6.91 21.24
N SER C 116 17.27 7.33 22.40
CA SER C 116 17.99 8.56 22.49
C SER C 116 19.03 8.46 23.58
N SER C 117 20.30 8.74 23.26
CA SER C 117 21.38 8.71 24.26
C SER C 117 21.57 10.02 24.97
#